data_1DSK
#
_entry.id   1DSK
#
_cell.length_a   1.000
_cell.length_b   1.000
_cell.length_c   1.000
_cell.angle_alpha   90.00
_cell.angle_beta   90.00
_cell.angle_gamma   90.00
#
_symmetry.space_group_name_H-M   'P 1'
#
_entity_poly.entity_id   1
_entity_poly.type   'polypeptide(L)'
_entity_poly.pdbx_seq_one_letter_code
;AIIRILQQLLFIHFRIGCRHSRIGVTRQ
;
_entity_poly.pdbx_strand_id   A
#
# COMPACT_ATOMS: atom_id res chain seq x y z
N ALA A 1 10.42 13.45 8.24
CA ALA A 1 10.17 12.17 7.51
C ALA A 1 8.68 12.10 7.10
N ILE A 2 8.17 13.21 6.65
CA ILE A 2 6.73 13.25 6.23
C ILE A 2 6.44 12.14 5.22
N ILE A 3 7.44 11.85 4.41
CA ILE A 3 7.27 10.80 3.39
C ILE A 3 7.31 9.38 3.99
N ARG A 4 7.21 9.31 5.27
CA ARG A 4 7.22 8.02 6.01
C ARG A 4 6.06 8.07 6.96
N ILE A 5 5.95 9.16 7.64
CA ILE A 5 4.85 9.31 8.60
C ILE A 5 3.49 9.09 7.91
N LEU A 6 3.25 9.87 6.88
CA LEU A 6 1.93 9.71 6.20
C LEU A 6 1.83 8.31 5.61
N GLN A 7 2.97 7.85 5.19
CA GLN A 7 3.07 6.51 4.59
C GLN A 7 2.70 5.44 5.57
N GLN A 8 2.71 5.70 6.85
CA GLN A 8 2.33 4.62 7.79
C GLN A 8 0.83 4.41 7.58
N LEU A 9 0.18 5.46 7.18
CA LEU A 9 -1.28 5.40 6.94
C LEU A 9 -1.47 4.93 5.51
N LEU A 10 -0.77 5.55 4.59
CA LEU A 10 -0.93 5.11 3.16
C LEU A 10 -0.56 3.65 3.09
N PHE A 11 0.34 3.24 3.95
CA PHE A 11 0.75 1.80 3.93
C PHE A 11 -0.49 0.93 3.95
N ILE A 12 -1.41 1.35 4.79
CA ILE A 12 -2.69 0.61 4.94
C ILE A 12 -3.58 0.59 3.72
N HIS A 13 -3.78 1.75 3.18
CA HIS A 13 -4.64 1.86 1.97
C HIS A 13 -4.00 1.21 0.75
N PHE A 14 -2.70 1.06 0.85
CA PHE A 14 -1.93 0.45 -0.25
C PHE A 14 -2.06 -1.04 -0.04
N ARG A 15 -1.84 -1.41 1.20
CA ARG A 15 -1.92 -2.85 1.55
C ARG A 15 -3.30 -3.43 1.23
N ILE A 16 -4.29 -2.92 1.91
CA ILE A 16 -5.69 -3.42 1.69
C ILE A 16 -6.07 -3.33 0.19
N GLY A 17 -5.43 -2.43 -0.49
CA GLY A 17 -5.71 -2.25 -1.94
C GLY A 17 -5.06 -3.39 -2.71
N CYS A 18 -3.76 -3.48 -2.65
CA CYS A 18 -3.01 -4.57 -3.38
C CYS A 18 -3.41 -6.01 -3.07
N ARG A 19 -4.28 -6.11 -2.12
CA ARG A 19 -4.79 -7.42 -1.66
C ARG A 19 -5.95 -7.87 -2.54
N HIS A 20 -6.61 -6.93 -3.17
CA HIS A 20 -7.77 -7.28 -4.04
C HIS A 20 -7.42 -8.39 -5.04
N SER A 21 -6.16 -8.56 -5.30
CA SER A 21 -5.70 -9.62 -6.25
C SER A 21 -4.18 -9.88 -6.06
N ARG A 22 -3.75 -9.78 -4.83
CA ARG A 22 -2.33 -9.99 -4.41
C ARG A 22 -1.34 -9.50 -5.47
N ILE A 23 -1.44 -8.22 -5.74
CA ILE A 23 -0.57 -7.54 -6.76
C ILE A 23 0.92 -7.67 -6.43
N GLY A 24 1.16 -7.95 -5.19
CA GLY A 24 2.53 -8.12 -4.59
C GLY A 24 3.59 -8.78 -5.48
N VAL A 25 3.15 -9.49 -6.48
CA VAL A 25 4.09 -10.17 -7.42
C VAL A 25 4.97 -9.14 -8.14
N THR A 26 4.36 -8.04 -8.51
CA THR A 26 5.03 -6.89 -9.25
C THR A 26 4.09 -6.31 -10.32
N ARG A 27 3.25 -7.15 -10.85
CA ARG A 27 2.30 -6.67 -11.90
C ARG A 27 1.37 -5.54 -11.42
N GLN A 28 1.88 -4.34 -11.54
CA GLN A 28 1.16 -3.08 -11.14
C GLN A 28 1.10 -2.96 -9.60
N ALA A 1 9.66 13.42 10.55
CA ALA A 1 9.45 12.12 9.85
C ALA A 1 8.18 12.17 8.97
N ILE A 2 7.82 13.36 8.52
CA ILE A 2 6.61 13.51 7.66
C ILE A 2 6.66 12.51 6.52
N ILE A 3 7.77 12.49 5.86
CA ILE A 3 7.93 11.55 4.73
C ILE A 3 7.88 10.06 5.09
N ARG A 4 7.45 9.77 6.28
CA ARG A 4 7.35 8.36 6.72
C ARG A 4 6.02 8.19 7.40
N ILE A 5 5.59 9.17 8.14
CA ILE A 5 4.30 9.04 8.81
C ILE A 5 3.17 8.97 7.77
N LEU A 6 3.14 9.91 6.87
CA LEU A 6 2.04 9.87 5.84
C LEU A 6 2.03 8.55 5.05
N GLN A 7 3.20 8.08 4.84
CA GLN A 7 3.43 6.82 4.08
C GLN A 7 2.79 5.62 4.74
N GLN A 8 2.52 5.71 6.01
CA GLN A 8 1.90 4.56 6.69
C GLN A 8 0.41 4.46 6.42
N LEU A 9 -0.20 5.60 6.20
CA LEU A 9 -1.66 5.59 5.92
C LEU A 9 -1.80 4.99 4.54
N LEU A 10 -0.94 5.48 3.69
CA LEU A 10 -0.97 4.99 2.28
C LEU A 10 -0.52 3.54 2.35
N PHE A 11 0.43 3.30 3.23
CA PHE A 11 0.93 1.90 3.38
C PHE A 11 -0.27 1.02 3.57
N ILE A 12 -1.09 1.39 4.51
CA ILE A 12 -2.30 0.59 4.77
C ILE A 12 -3.21 0.51 3.55
N HIS A 13 -3.47 1.63 2.97
CA HIS A 13 -4.37 1.62 1.76
C HIS A 13 -3.80 0.88 0.56
N PHE A 14 -2.50 0.78 0.48
CA PHE A 14 -1.88 0.08 -0.68
C PHE A 14 -1.63 -1.36 -0.32
N ARG A 15 -1.23 -1.56 0.92
CA ARG A 15 -0.97 -2.96 1.33
C ARG A 15 -2.32 -3.66 1.36
N ILE A 16 -3.33 -2.97 1.82
CA ILE A 16 -4.67 -3.62 1.86
C ILE A 16 -5.27 -3.56 0.44
N GLY A 17 -5.14 -2.43 -0.21
CA GLY A 17 -5.68 -2.27 -1.60
C GLY A 17 -5.22 -3.34 -2.58
N CYS A 18 -3.92 -3.52 -2.70
CA CYS A 18 -3.39 -4.54 -3.66
C CYS A 18 -3.49 -6.01 -3.20
N ARG A 19 -4.25 -6.19 -2.16
CA ARG A 19 -4.45 -7.54 -1.59
C ARG A 19 -5.73 -8.17 -2.12
N HIS A 20 -6.74 -7.35 -2.22
CA HIS A 20 -8.09 -7.76 -2.72
C HIS A 20 -8.06 -8.91 -3.76
N SER A 21 -7.10 -8.84 -4.64
CA SER A 21 -6.94 -9.87 -5.69
C SER A 21 -5.44 -10.05 -6.00
N ARG A 22 -4.66 -9.79 -4.99
CA ARG A 22 -3.17 -9.88 -5.01
C ARG A 22 -2.53 -9.29 -6.27
N ILE A 23 -2.63 -7.98 -6.30
CA ILE A 23 -2.08 -7.17 -7.42
C ILE A 23 -0.59 -6.88 -7.19
N GLY A 24 -0.11 -7.23 -6.03
CA GLY A 24 1.34 -6.97 -5.74
C GLY A 24 1.78 -7.01 -4.30
N VAL A 25 1.36 -8.01 -3.59
CA VAL A 25 1.74 -8.14 -2.14
C VAL A 25 3.28 -8.13 -1.98
N THR A 26 3.94 -8.42 -3.06
CA THR A 26 5.45 -8.45 -3.08
C THR A 26 6.01 -7.31 -3.97
N ARG A 27 5.19 -6.32 -4.23
CA ARG A 27 5.66 -5.20 -5.09
C ARG A 27 6.62 -4.37 -4.22
N GLN A 28 7.84 -4.84 -4.25
CA GLN A 28 9.02 -4.26 -3.51
C GLN A 28 9.17 -4.96 -2.15
N ALA A 1 10.06 12.94 9.08
CA ALA A 1 10.15 12.41 7.69
C ALA A 1 8.73 12.30 7.08
N ILE A 2 8.36 13.29 6.33
CA ILE A 2 7.00 13.28 5.68
C ILE A 2 6.82 11.99 4.91
N ILE A 3 7.88 11.61 4.25
CA ILE A 3 7.84 10.38 3.44
C ILE A 3 7.93 9.13 4.32
N ARG A 4 7.47 9.27 5.54
CA ARG A 4 7.48 8.14 6.49
C ARG A 4 6.22 8.30 7.31
N ILE A 5 6.02 9.48 7.81
CA ILE A 5 4.82 9.70 8.62
C ILE A 5 3.54 9.37 7.84
N LEU A 6 3.40 9.92 6.65
CA LEU A 6 2.16 9.64 5.85
C LEU A 6 2.10 8.20 5.32
N GLN A 7 3.26 7.61 5.20
CA GLN A 7 3.34 6.22 4.67
C GLN A 7 2.54 5.25 5.52
N GLN A 8 2.26 5.64 6.72
CA GLN A 8 1.47 4.74 7.60
C GLN A 8 0.04 4.64 7.08
N LEU A 9 -0.42 5.69 6.46
CA LEU A 9 -1.80 5.71 5.92
C LEU A 9 -1.76 4.96 4.59
N LEU A 10 -0.74 5.29 3.85
CA LEU A 10 -0.59 4.63 2.53
C LEU A 10 -0.43 3.14 2.78
N PHE A 11 0.21 2.86 3.87
CA PHE A 11 0.45 1.44 4.26
C PHE A 11 -0.89 0.74 4.34
N ILE A 12 -1.84 1.45 4.89
CA ILE A 12 -3.20 0.88 5.03
C ILE A 12 -3.91 0.76 3.69
N HIS A 13 -3.79 1.80 2.92
CA HIS A 13 -4.47 1.76 1.58
C HIS A 13 -3.84 0.74 0.61
N PHE A 14 -2.57 0.54 0.77
CA PHE A 14 -1.83 -0.41 -0.09
C PHE A 14 -1.97 -1.77 0.52
N ARG A 15 -1.91 -1.83 1.82
CA ARG A 15 -2.04 -3.17 2.42
C ARG A 15 -3.46 -3.69 2.21
N ILE A 16 -4.42 -2.87 2.51
CA ILE A 16 -5.84 -3.30 2.32
C ILE A 16 -6.15 -3.42 0.83
N GLY A 17 -5.65 -2.47 0.07
CA GLY A 17 -5.91 -2.50 -1.41
C GLY A 17 -5.25 -3.67 -2.14
N CYS A 18 -3.95 -3.77 -2.03
CA CYS A 18 -3.20 -4.88 -2.72
C CYS A 18 -3.56 -6.33 -2.41
N ARG A 19 -4.61 -6.53 -1.70
CA ARG A 19 -5.00 -7.93 -1.36
C ARG A 19 -5.93 -8.57 -2.36
N HIS A 20 -6.73 -7.77 -2.99
CA HIS A 20 -7.67 -8.38 -3.98
C HIS A 20 -6.87 -9.20 -5.01
N SER A 21 -5.80 -8.61 -5.47
CA SER A 21 -4.88 -9.22 -6.47
C SER A 21 -3.62 -8.33 -6.62
N ARG A 22 -3.14 -7.79 -5.52
CA ARG A 22 -1.93 -6.90 -5.54
C ARG A 22 -2.04 -5.89 -6.69
N ILE A 23 -3.18 -5.22 -6.70
CA ILE A 23 -3.52 -4.19 -7.71
C ILE A 23 -3.10 -4.69 -9.11
N GLY A 24 -3.41 -5.94 -9.26
CA GLY A 24 -3.13 -6.69 -10.52
C GLY A 24 -1.63 -6.90 -10.67
N VAL A 25 -1.10 -7.63 -9.72
CA VAL A 25 0.34 -7.99 -9.63
C VAL A 25 1.13 -7.91 -10.96
N THR A 26 0.56 -8.56 -11.93
CA THR A 26 1.17 -8.59 -13.29
C THR A 26 0.11 -8.28 -14.35
N ARG A 27 -1.04 -8.90 -14.25
CA ARG A 27 -2.11 -8.63 -15.25
C ARG A 27 -2.72 -7.24 -15.01
N GLN A 28 -2.01 -6.24 -15.47
CA GLN A 28 -2.46 -4.82 -15.32
C GLN A 28 -3.90 -4.66 -15.83
N ALA A 1 10.78 13.54 7.82
CA ALA A 1 10.52 12.23 7.14
C ALA A 1 9.03 12.13 6.78
N ILE A 2 8.42 13.24 6.48
CA ILE A 2 6.97 13.29 6.12
C ILE A 2 6.58 12.18 5.16
N ILE A 3 7.38 12.04 4.14
CA ILE A 3 7.12 11.01 3.13
C ILE A 3 7.20 9.55 3.60
N ARG A 4 7.35 9.38 4.89
CA ARG A 4 7.42 8.04 5.51
C ARG A 4 6.50 8.08 6.70
N ILE A 5 6.60 9.13 7.45
CA ILE A 5 5.75 9.27 8.63
C ILE A 5 4.25 9.18 8.29
N LEU A 6 3.84 9.88 7.26
CA LEU A 6 2.38 9.84 6.89
C LEU A 6 2.03 8.50 6.23
N GLN A 7 3.01 7.99 5.57
CA GLN A 7 2.87 6.71 4.85
C GLN A 7 2.47 5.58 5.77
N GLN A 8 2.67 5.75 7.06
CA GLN A 8 2.28 4.66 7.98
C GLN A 8 0.77 4.47 7.87
N LEU A 9 0.11 5.54 7.51
CA LEU A 9 -1.35 5.49 7.36
C LEU A 9 -1.69 5.07 5.94
N LEU A 10 -0.96 5.64 5.02
CA LEU A 10 -1.24 5.28 3.58
C LEU A 10 -0.88 3.82 3.39
N PHE A 11 0.00 3.36 4.24
CA PHE A 11 0.43 1.94 4.15
C PHE A 11 -0.83 1.10 4.07
N ILE A 12 -1.73 1.41 4.97
CA ILE A 12 -3.01 0.67 5.00
C ILE A 12 -3.75 0.66 3.67
N HIS A 13 -4.01 1.83 3.19
CA HIS A 13 -4.75 1.95 1.89
C HIS A 13 -4.12 1.19 0.73
N PHE A 14 -2.82 1.26 0.67
CA PHE A 14 -2.10 0.57 -0.42
C PHE A 14 -1.94 -0.89 -0.06
N ARG A 15 -2.00 -1.16 1.21
CA ARG A 15 -1.85 -2.57 1.63
C ARG A 15 -3.10 -3.35 1.24
N ILE A 16 -4.21 -2.76 1.60
CA ILE A 16 -5.56 -3.33 1.34
C ILE A 16 -5.84 -3.40 -0.17
N GLY A 17 -5.58 -2.31 -0.85
CA GLY A 17 -5.83 -2.27 -2.33
C GLY A 17 -5.18 -3.46 -3.04
N CYS A 18 -3.94 -3.66 -2.68
CA CYS A 18 -3.17 -4.78 -3.30
C CYS A 18 -3.59 -6.19 -2.92
N ARG A 19 -4.69 -6.30 -2.24
CA ARG A 19 -5.16 -7.66 -1.83
C ARG A 19 -6.05 -8.34 -2.85
N HIS A 20 -6.90 -7.57 -3.46
CA HIS A 20 -7.86 -8.10 -4.49
C HIS A 20 -7.24 -9.13 -5.47
N SER A 21 -5.98 -8.99 -5.71
CA SER A 21 -5.26 -9.92 -6.65
C SER A 21 -3.83 -10.03 -6.14
N ARG A 22 -3.71 -9.94 -4.84
CA ARG A 22 -2.40 -10.00 -4.12
C ARG A 22 -1.31 -9.38 -5.01
N ILE A 23 -1.53 -8.13 -5.31
CA ILE A 23 -0.58 -7.37 -6.16
C ILE A 23 0.84 -7.46 -5.60
N GLY A 24 0.90 -7.86 -4.36
CA GLY A 24 2.19 -8.02 -3.63
C GLY A 24 3.21 -8.81 -4.46
N VAL A 25 2.72 -9.61 -5.38
CA VAL A 25 3.62 -10.41 -6.25
C VAL A 25 4.67 -9.52 -6.96
N THR A 26 4.37 -8.25 -7.09
CA THR A 26 5.34 -7.32 -7.77
C THR A 26 6.29 -6.63 -6.79
N ARG A 27 6.10 -6.96 -5.55
CA ARG A 27 6.89 -6.43 -4.39
C ARG A 27 7.78 -5.20 -4.74
N GLN A 28 7.11 -4.08 -4.88
CA GLN A 28 7.79 -2.79 -5.22
C GLN A 28 8.51 -2.94 -6.58
N ALA A 1 9.72 13.86 8.96
CA ALA A 1 9.70 12.55 8.25
C ALA A 1 8.31 12.29 7.63
N ILE A 2 7.70 13.35 7.17
CA ILE A 2 6.35 13.23 6.55
C ILE A 2 6.30 12.14 5.48
N ILE A 3 7.39 12.02 4.75
CA ILE A 3 7.44 11.01 3.69
C ILE A 3 7.52 9.58 4.21
N ARG A 4 7.38 9.43 5.50
CA ARG A 4 7.42 8.09 6.14
C ARG A 4 6.19 8.05 7.01
N ILE A 5 5.97 9.09 7.77
CA ILE A 5 4.80 9.08 8.63
C ILE A 5 3.50 8.87 7.84
N LEU A 6 3.28 9.65 6.82
CA LEU A 6 2.01 9.45 6.04
C LEU A 6 1.99 8.07 5.40
N GLN A 7 3.15 7.61 5.09
CA GLN A 7 3.28 6.29 4.43
C GLN A 7 2.75 5.21 5.34
N GLN A 8 2.69 5.47 6.62
CA GLN A 8 2.16 4.44 7.53
C GLN A 8 0.65 4.31 7.27
N LEU A 9 0.09 5.39 6.79
CA LEU A 9 -1.36 5.41 6.49
C LEU A 9 -1.48 4.87 5.08
N LEU A 10 -0.66 5.39 4.20
CA LEU A 10 -0.73 4.91 2.79
C LEU A 10 -0.51 3.40 2.80
N PHE A 11 0.32 3.00 3.71
CA PHE A 11 0.65 1.54 3.86
C PHE A 11 -0.66 0.76 3.94
N ILE A 12 -1.56 1.32 4.68
CA ILE A 12 -2.88 0.68 4.86
C ILE A 12 -3.73 0.72 3.61
N HIS A 13 -3.77 1.87 3.01
CA HIS A 13 -4.60 2.02 1.78
C HIS A 13 -4.02 1.25 0.58
N PHE A 14 -2.73 1.04 0.60
CA PHE A 14 -2.07 0.31 -0.51
C PHE A 14 -2.06 -1.15 -0.11
N ARG A 15 -1.84 -1.41 1.15
CA ARG A 15 -1.82 -2.84 1.54
C ARG A 15 -3.24 -3.38 1.37
N ILE A 16 -4.19 -2.77 2.00
CA ILE A 16 -5.59 -3.26 1.85
C ILE A 16 -6.04 -3.16 0.38
N GLY A 17 -5.43 -2.28 -0.36
CA GLY A 17 -5.82 -2.14 -1.80
C GLY A 17 -5.23 -3.25 -2.68
N CYS A 18 -3.94 -3.29 -2.75
CA CYS A 18 -3.26 -4.33 -3.60
C CYS A 18 -3.48 -5.79 -3.19
N ARG A 19 -4.14 -5.92 -2.09
CA ARG A 19 -4.45 -7.25 -1.52
C ARG A 19 -5.68 -7.83 -2.19
N HIS A 20 -6.47 -6.96 -2.79
CA HIS A 20 -7.71 -7.41 -3.48
C HIS A 20 -7.42 -8.65 -4.35
N SER A 21 -6.21 -8.72 -4.82
CA SER A 21 -5.77 -9.88 -5.67
C SER A 21 -4.24 -9.93 -5.76
N ARG A 22 -3.61 -9.43 -4.72
CA ARG A 22 -2.12 -9.38 -4.62
C ARG A 22 -1.41 -8.87 -5.89
N ILE A 23 -1.76 -7.67 -6.26
CA ILE A 23 -1.15 -7.02 -7.47
C ILE A 23 0.27 -6.49 -7.15
N GLY A 24 0.70 -6.70 -5.93
CA GLY A 24 2.07 -6.21 -5.53
C GLY A 24 3.12 -6.81 -6.47
N VAL A 25 2.79 -7.94 -7.01
CA VAL A 25 3.68 -8.66 -7.95
C VAL A 25 3.96 -7.81 -9.19
N THR A 26 3.11 -6.86 -9.45
CA THR A 26 3.32 -5.99 -10.66
C THR A 26 2.99 -4.50 -10.44
N ARG A 27 2.48 -4.16 -9.28
CA ARG A 27 2.11 -2.74 -8.92
C ARG A 27 1.70 -1.86 -10.14
N GLN A 28 0.81 -2.38 -10.94
CA GLN A 28 0.36 -1.60 -12.14
C GLN A 28 -0.66 -0.52 -11.73
N ALA A 1 10.34 13.58 8.53
CA ALA A 1 10.21 12.31 7.74
C ALA A 1 8.79 12.19 7.17
N ILE A 2 8.28 13.30 6.69
CA ILE A 2 6.89 13.31 6.10
C ILE A 2 6.69 12.13 5.16
N ILE A 3 7.65 11.96 4.28
CA ILE A 3 7.60 10.86 3.31
C ILE A 3 7.73 9.44 3.88
N ARG A 4 7.55 9.34 5.17
CA ARG A 4 7.63 8.03 5.87
C ARG A 4 6.48 8.00 6.83
N ILE A 5 6.29 9.08 7.52
CA ILE A 5 5.18 9.11 8.47
C ILE A 5 3.83 8.87 7.77
N LEU A 6 3.56 9.64 6.74
CA LEU A 6 2.26 9.43 6.05
C LEU A 6 2.15 8.03 5.48
N GLN A 7 3.27 7.50 5.10
CA GLN A 7 3.31 6.14 4.51
C GLN A 7 2.73 5.12 5.48
N GLN A 8 2.73 5.44 6.74
CA GLN A 8 2.18 4.49 7.72
C GLN A 8 0.66 4.50 7.64
N LEU A 9 0.12 5.60 7.24
CA LEU A 9 -1.36 5.71 7.12
C LEU A 9 -1.72 5.17 5.76
N LEU A 10 -0.98 5.62 4.79
CA LEU A 10 -1.25 5.15 3.40
C LEU A 10 -1.05 3.66 3.42
N PHE A 11 -0.07 3.21 4.16
CA PHE A 11 0.20 1.74 4.24
C PHE A 11 -1.10 0.97 4.31
N ILE A 12 -1.99 1.48 5.10
CA ILE A 12 -3.29 0.78 5.23
C ILE A 12 -4.10 0.81 3.94
N HIS A 13 -4.33 1.99 3.45
CA HIS A 13 -5.12 2.13 2.18
C HIS A 13 -4.34 1.77 0.95
N PHE A 14 -3.08 1.54 1.14
CA PHE A 14 -2.18 1.18 0.03
C PHE A 14 -1.94 -0.32 0.13
N ARG A 15 -2.08 -0.92 1.29
CA ARG A 15 -1.83 -2.37 1.33
C ARG A 15 -3.14 -3.09 1.03
N ILE A 16 -4.16 -2.79 1.79
CA ILE A 16 -5.50 -3.45 1.58
C ILE A 16 -5.92 -3.51 0.10
N GLY A 17 -5.68 -2.44 -0.61
CA GLY A 17 -6.06 -2.41 -2.06
C GLY A 17 -5.38 -3.50 -2.90
N CYS A 18 -4.14 -3.77 -2.62
CA CYS A 18 -3.40 -4.82 -3.40
C CYS A 18 -3.70 -6.25 -2.95
N ARG A 19 -4.63 -6.33 -2.07
CA ARG A 19 -5.04 -7.66 -1.51
C ARG A 19 -6.01 -8.32 -2.48
N HIS A 20 -6.67 -7.49 -3.25
CA HIS A 20 -7.65 -8.00 -4.22
C HIS A 20 -7.05 -9.11 -5.08
N SER A 21 -5.81 -8.97 -5.44
CA SER A 21 -5.15 -10.01 -6.28
C SER A 21 -3.60 -9.97 -6.19
N ARG A 22 -3.10 -9.54 -5.07
CA ARG A 22 -1.62 -9.44 -4.80
C ARG A 22 -0.75 -8.75 -5.86
N ILE A 23 -1.36 -8.08 -6.78
CA ILE A 23 -0.58 -7.36 -7.86
C ILE A 23 0.49 -6.44 -7.28
N GLY A 24 0.22 -6.01 -6.10
CA GLY A 24 1.16 -5.08 -5.37
C GLY A 24 1.45 -3.85 -6.22
N VAL A 25 0.39 -3.34 -6.79
CA VAL A 25 0.49 -2.13 -7.64
C VAL A 25 1.02 -0.91 -6.87
N THR A 26 0.64 -0.85 -5.62
CA THR A 26 1.07 0.28 -4.72
C THR A 26 2.33 -0.18 -3.95
N ARG A 27 2.18 -1.35 -3.37
CA ARG A 27 3.25 -2.03 -2.55
C ARG A 27 3.89 -1.11 -1.49
N GLN A 28 3.05 -0.31 -0.90
CA GLN A 28 3.51 0.66 0.17
C GLN A 28 2.54 0.70 1.36
N ALA A 1 9.89 13.79 7.82
CA ALA A 1 9.85 12.37 7.33
C ALA A 1 8.52 12.14 6.59
N ILE A 2 8.17 13.10 5.78
CA ILE A 2 6.89 13.02 4.99
C ILE A 2 6.74 11.65 4.33
N ILE A 3 7.81 11.21 3.74
CA ILE A 3 7.79 9.89 3.07
C ILE A 3 7.84 8.72 4.07
N ARG A 4 7.36 8.98 5.25
CA ARG A 4 7.31 7.95 6.31
C ARG A 4 6.03 8.21 7.07
N ILE A 5 5.84 9.43 7.47
CA ILE A 5 4.63 9.76 8.20
C ILE A 5 3.36 9.37 7.42
N LEU A 6 3.27 9.83 6.20
CA LEU A 6 2.04 9.46 5.42
C LEU A 6 2.01 7.98 5.08
N GLN A 7 3.17 7.41 4.99
CA GLN A 7 3.27 5.96 4.64
C GLN A 7 2.55 5.13 5.69
N GLN A 8 2.46 5.66 6.87
CA GLN A 8 1.78 4.91 7.95
C GLN A 8 0.30 4.81 7.60
N LEU A 9 -0.18 5.77 6.86
CA LEU A 9 -1.60 5.77 6.47
C LEU A 9 -1.70 4.95 5.20
N LEU A 10 -0.78 5.21 4.30
CA LEU A 10 -0.80 4.44 3.02
C LEU A 10 -0.68 2.97 3.34
N PHE A 11 -0.01 2.71 4.42
CA PHE A 11 0.17 1.29 4.86
C PHE A 11 -1.18 0.58 4.75
N ILE A 12 -2.17 1.23 5.25
CA ILE A 12 -3.53 0.66 5.22
C ILE A 12 -4.14 0.59 3.83
N HIS A 13 -4.12 1.68 3.15
CA HIS A 13 -4.72 1.69 1.78
C HIS A 13 -3.99 0.82 0.78
N PHE A 14 -2.73 0.60 1.01
CA PHE A 14 -1.92 -0.22 0.10
C PHE A 14 -1.95 -1.65 0.59
N ARG A 15 -1.92 -1.82 1.89
CA ARG A 15 -1.93 -3.23 2.35
C ARG A 15 -3.32 -3.80 2.11
N ILE A 16 -4.32 -2.98 2.30
CA ILE A 16 -5.71 -3.47 2.07
C ILE A 16 -5.95 -3.40 0.57
N GLY A 17 -5.59 -2.30 -0.02
CA GLY A 17 -5.77 -2.14 -1.49
C GLY A 17 -5.14 -3.25 -2.30
N CYS A 18 -3.89 -3.52 -2.05
CA CYS A 18 -3.18 -4.60 -2.81
C CYS A 18 -3.63 -6.03 -2.51
N ARG A 19 -4.61 -6.14 -1.68
CA ARG A 19 -5.14 -7.48 -1.30
C ARG A 19 -6.00 -7.98 -2.46
N HIS A 20 -6.62 -7.05 -3.15
CA HIS A 20 -7.51 -7.39 -4.31
C HIS A 20 -6.83 -8.42 -5.23
N SER A 21 -5.55 -8.20 -5.42
CA SER A 21 -4.68 -9.08 -6.28
C SER A 21 -3.29 -8.39 -6.48
N ARG A 22 -2.66 -8.06 -5.38
CA ARG A 22 -1.30 -7.39 -5.40
C ARG A 22 -1.05 -6.42 -6.59
N ILE A 23 -2.09 -5.71 -6.96
CA ILE A 23 -2.02 -4.72 -8.08
C ILE A 23 -1.19 -5.30 -9.25
N GLY A 24 -1.54 -6.50 -9.56
CA GLY A 24 -0.87 -7.26 -10.67
C GLY A 24 -1.86 -8.01 -11.57
N VAL A 25 -3.06 -7.49 -11.62
CA VAL A 25 -4.16 -8.07 -12.43
C VAL A 25 -3.84 -8.37 -13.92
N THR A 26 -2.98 -7.56 -14.48
CA THR A 26 -2.50 -7.62 -15.91
C THR A 26 -2.10 -6.20 -16.29
N ARG A 27 -3.10 -5.36 -16.29
CA ARG A 27 -2.90 -3.92 -16.62
C ARG A 27 -2.11 -3.19 -15.52
N GLN A 28 -0.85 -3.50 -15.44
CA GLN A 28 0.06 -2.88 -14.43
C GLN A 28 1.36 -2.40 -15.13
N ALA A 1 9.77 14.13 8.41
CA ALA A 1 9.75 13.01 7.43
C ALA A 1 8.30 12.82 6.94
N ILE A 2 7.75 13.84 6.36
CA ILE A 2 6.34 13.79 5.84
C ILE A 2 6.14 12.49 5.05
N ILE A 3 7.04 12.30 4.14
CA ILE A 3 6.99 11.10 3.29
C ILE A 3 7.23 9.77 4.00
N ARG A 4 7.15 9.79 5.30
CA ARG A 4 7.35 8.56 6.11
C ARG A 4 6.24 8.50 7.12
N ILE A 5 5.93 9.64 7.67
CA ILE A 5 4.86 9.67 8.66
C ILE A 5 3.52 9.32 8.01
N LEU A 6 3.18 10.05 6.98
CA LEU A 6 1.89 9.78 6.28
C LEU A 6 1.84 8.34 5.76
N GLN A 7 3.02 7.87 5.43
CA GLN A 7 3.16 6.51 4.88
C GLN A 7 2.69 5.46 5.85
N GLN A 8 2.58 5.79 7.11
CA GLN A 8 2.11 4.75 8.06
C GLN A 8 0.64 4.51 7.75
N LEU A 9 0.01 5.53 7.25
CA LEU A 9 -1.43 5.42 6.91
C LEU A 9 -1.49 4.83 5.52
N LEU A 10 -0.73 5.41 4.64
CA LEU A 10 -0.77 4.87 3.24
C LEU A 10 -0.36 3.41 3.27
N PHE A 11 0.48 3.09 4.22
CA PHE A 11 0.95 1.68 4.34
C PHE A 11 -0.25 0.75 4.27
N ILE A 12 -1.23 1.13 5.06
CA ILE A 12 -2.49 0.35 5.11
C ILE A 12 -3.21 0.27 3.77
N HIS A 13 -3.37 1.41 3.18
CA HIS A 13 -4.08 1.48 1.86
C HIS A 13 -3.34 0.76 0.74
N PHE A 14 -2.05 0.68 0.89
CA PHE A 14 -1.24 0.01 -0.15
C PHE A 14 -1.29 -1.47 0.16
N ARG A 15 -1.27 -1.78 1.44
CA ARG A 15 -1.32 -3.23 1.76
C ARG A 15 -2.69 -3.81 1.39
N ILE A 16 -3.73 -3.11 1.77
CA ILE A 16 -5.11 -3.58 1.47
C ILE A 16 -5.37 -3.43 -0.04
N GLY A 17 -4.90 -2.34 -0.61
CA GLY A 17 -5.10 -2.10 -2.07
C GLY A 17 -4.70 -3.35 -2.85
N CYS A 18 -3.52 -3.82 -2.52
CA CYS A 18 -2.95 -5.04 -3.18
C CYS A 18 -3.76 -6.34 -3.01
N ARG A 19 -4.85 -6.21 -2.34
CA ARG A 19 -5.75 -7.36 -2.06
C ARG A 19 -6.70 -7.55 -3.24
N HIS A 20 -6.94 -6.48 -3.96
CA HIS A 20 -7.86 -6.53 -5.15
C HIS A 20 -7.62 -7.78 -6.02
N SER A 21 -6.38 -8.20 -6.02
CA SER A 21 -5.97 -9.40 -6.79
C SER A 21 -4.84 -10.09 -6.01
N ARG A 22 -4.91 -9.88 -4.72
CA ARG A 22 -4.00 -10.39 -3.66
C ARG A 22 -2.53 -10.55 -4.10
N ILE A 23 -1.98 -9.45 -4.52
CA ILE A 23 -0.56 -9.36 -5.00
C ILE A 23 0.54 -9.88 -4.03
N GLY A 24 0.15 -10.32 -2.87
CA GLY A 24 1.13 -10.84 -1.87
C GLY A 24 0.97 -9.99 -0.62
N VAL A 25 -0.10 -10.30 0.06
CA VAL A 25 -0.53 -9.62 1.33
C VAL A 25 0.60 -9.17 2.27
N THR A 26 1.69 -9.89 2.22
CA THR A 26 2.88 -9.59 3.08
C THR A 26 4.04 -10.54 2.72
N ARG A 27 3.74 -11.81 2.70
CA ARG A 27 4.77 -12.84 2.37
C ARG A 27 4.81 -13.08 0.87
N GLN A 28 5.88 -13.66 0.41
CA GLN A 28 6.03 -13.95 -1.06
C GLN A 28 5.71 -15.43 -1.34
N ALA A 1 10.02 13.88 8.88
CA ALA A 1 9.86 12.51 8.30
C ALA A 1 8.51 12.39 7.58
N ILE A 2 8.12 13.44 6.90
CA ILE A 2 6.80 13.39 6.17
C ILE A 2 6.78 12.18 5.24
N ILE A 3 7.94 11.87 4.71
CA ILE A 3 8.03 10.72 3.81
C ILE A 3 7.97 9.38 4.53
N ARG A 4 7.50 9.44 5.75
CA ARG A 4 7.35 8.23 6.61
C ARG A 4 6.05 8.35 7.36
N ILE A 5 5.76 9.54 7.81
CA ILE A 5 4.50 9.74 8.54
C ILE A 5 3.28 9.41 7.66
N LEU A 6 3.28 9.91 6.45
CA LEU A 6 2.10 9.64 5.56
C LEU A 6 2.06 8.18 5.12
N GLN A 7 3.24 7.66 4.96
CA GLN A 7 3.42 6.26 4.52
C GLN A 7 2.66 5.23 5.36
N GLN A 8 2.34 5.59 6.57
CA GLN A 8 1.61 4.64 7.43
C GLN A 8 0.15 4.50 6.97
N LEU A 9 -0.34 5.55 6.39
CA LEU A 9 -1.75 5.52 5.91
C LEU A 9 -1.74 4.80 4.58
N LEU A 10 -0.77 5.19 3.80
CA LEU A 10 -0.63 4.57 2.45
C LEU A 10 -0.40 3.09 2.66
N PHE A 11 0.35 2.84 3.70
CA PHE A 11 0.68 1.43 4.05
C PHE A 11 -0.63 0.67 4.14
N ILE A 12 -1.55 1.25 4.84
CA ILE A 12 -2.87 0.60 4.99
C ILE A 12 -3.69 0.56 3.71
N HIS A 13 -3.67 1.64 3.00
CA HIS A 13 -4.46 1.67 1.72
C HIS A 13 -3.90 0.76 0.64
N PHE A 14 -2.60 0.57 0.68
CA PHE A 14 -1.92 -0.28 -0.32
C PHE A 14 -1.93 -1.68 0.23
N ARG A 15 -1.73 -1.78 1.53
CA ARG A 15 -1.72 -3.13 2.14
C ARG A 15 -3.10 -3.73 2.00
N ILE A 16 -4.10 -2.94 2.30
CA ILE A 16 -5.49 -3.45 2.18
C ILE A 16 -5.82 -3.48 0.69
N GLY A 17 -5.52 -2.42 -0.01
CA GLY A 17 -5.82 -2.37 -1.47
C GLY A 17 -5.28 -3.58 -2.24
N CYS A 18 -4.00 -3.80 -2.13
CA CYS A 18 -3.35 -4.95 -2.84
C CYS A 18 -3.85 -6.34 -2.45
N ARG A 19 -4.77 -6.36 -1.56
CA ARG A 19 -5.33 -7.65 -1.08
C ARG A 19 -6.35 -8.11 -2.12
N HIS A 20 -6.87 -7.17 -2.86
CA HIS A 20 -7.88 -7.52 -3.91
C HIS A 20 -7.30 -8.62 -4.83
N SER A 21 -6.05 -8.41 -5.19
CA SER A 21 -5.29 -9.34 -6.08
C SER A 21 -3.89 -8.74 -6.39
N ARG A 22 -3.18 -8.40 -5.35
CA ARG A 22 -1.80 -7.81 -5.44
C ARG A 22 -1.58 -6.89 -6.67
N ILE A 23 -2.58 -6.09 -6.94
CA ILE A 23 -2.57 -5.12 -8.10
C ILE A 23 -1.87 -5.76 -9.32
N GLY A 24 -2.20 -7.00 -9.49
CA GLY A 24 -1.66 -7.83 -10.62
C GLY A 24 -2.60 -7.97 -11.80
N VAL A 25 -3.87 -7.77 -11.54
CA VAL A 25 -4.94 -7.87 -12.58
C VAL A 25 -4.62 -7.04 -13.84
N THR A 26 -3.72 -6.12 -13.67
CA THR A 26 -3.28 -5.23 -14.78
C THR A 26 -2.54 -6.07 -15.83
N ARG A 27 -1.82 -7.04 -15.34
CA ARG A 27 -1.04 -7.94 -16.25
C ARG A 27 -1.99 -9.02 -16.79
N GLN A 28 -3.03 -8.54 -17.42
CA GLN A 28 -4.07 -9.43 -18.02
C GLN A 28 -4.05 -9.29 -19.55
N ALA A 1 10.46 13.49 8.07
CA ALA A 1 10.07 12.10 7.67
C ALA A 1 8.68 12.09 7.01
N ILE A 2 8.32 13.15 6.34
CA ILE A 2 6.98 13.21 5.68
C ILE A 2 6.77 11.97 4.83
N ILE A 3 7.77 11.67 4.05
CA ILE A 3 7.70 10.48 3.18
C ILE A 3 7.80 9.14 3.94
N ARG A 4 7.44 9.18 5.19
CA ARG A 4 7.47 7.97 6.06
C ARG A 4 6.28 8.04 6.98
N ILE A 5 5.94 9.21 7.44
CA ILE A 5 4.79 9.32 8.33
C ILE A 5 3.51 9.07 7.52
N LEU A 6 3.36 9.78 6.43
CA LEU A 6 2.12 9.58 5.60
C LEU A 6 2.01 8.12 5.15
N GLN A 7 3.16 7.55 4.97
CA GLN A 7 3.25 6.14 4.51
C GLN A 7 2.53 5.20 5.46
N GLN A 8 2.32 5.62 6.67
CA GLN A 8 1.62 4.75 7.64
C GLN A 8 0.15 4.60 7.20
N LEU A 9 -0.35 5.64 6.59
CA LEU A 9 -1.76 5.63 6.13
C LEU A 9 -1.78 4.87 4.82
N LEU A 10 -0.83 5.23 4.01
CA LEU A 10 -0.76 4.55 2.68
C LEU A 10 -0.57 3.06 2.95
N PHE A 11 0.14 2.78 4.02
CA PHE A 11 0.38 1.35 4.37
C PHE A 11 -0.95 0.66 4.48
N ILE A 12 -1.87 1.34 5.09
CA ILE A 12 -3.24 0.77 5.25
C ILE A 12 -3.94 0.64 3.91
N HIS A 13 -3.88 1.71 3.19
CA HIS A 13 -4.55 1.73 1.85
C HIS A 13 -3.95 0.73 0.87
N PHE A 14 -2.69 0.41 1.04
CA PHE A 14 -2.04 -0.55 0.13
C PHE A 14 -2.19 -1.92 0.74
N ARG A 15 -2.09 -2.00 2.04
CA ARG A 15 -2.25 -3.33 2.67
C ARG A 15 -3.63 -3.87 2.37
N ILE A 16 -4.59 -2.99 2.51
CA ILE A 16 -6.00 -3.37 2.25
C ILE A 16 -6.23 -3.37 0.73
N GLY A 17 -5.72 -2.35 0.08
CA GLY A 17 -5.89 -2.26 -1.40
C GLY A 17 -5.26 -3.42 -2.17
N CYS A 18 -3.96 -3.56 -2.06
CA CYS A 18 -3.22 -4.66 -2.77
C CYS A 18 -3.71 -6.08 -2.53
N ARG A 19 -4.66 -6.18 -1.67
CA ARG A 19 -5.26 -7.49 -1.29
C ARG A 19 -6.12 -7.93 -2.48
N HIS A 20 -6.59 -6.96 -3.23
CA HIS A 20 -7.44 -7.25 -4.42
C HIS A 20 -6.77 -8.27 -5.37
N SER A 21 -5.46 -8.13 -5.49
CA SER A 21 -4.64 -9.04 -6.37
C SER A 21 -3.20 -8.49 -6.45
N ARG A 22 -2.64 -8.17 -5.31
CA ARG A 22 -1.25 -7.62 -5.17
C ARG A 22 -0.93 -6.57 -6.26
N ILE A 23 -1.93 -5.83 -6.67
CA ILE A 23 -1.74 -4.78 -7.72
C ILE A 23 -1.09 -5.34 -9.01
N GLY A 24 -0.96 -6.63 -9.05
CA GLY A 24 -0.36 -7.38 -10.21
C GLY A 24 -0.80 -6.87 -11.57
N VAL A 25 -2.05 -6.49 -11.63
CA VAL A 25 -2.65 -5.95 -12.88
C VAL A 25 -1.76 -4.83 -13.44
N THR A 26 -1.16 -4.12 -12.53
CA THR A 26 -0.25 -3.00 -12.88
C THR A 26 0.89 -2.95 -11.83
N ARG A 27 1.91 -3.72 -12.03
CA ARG A 27 3.03 -3.70 -11.04
C ARG A 27 3.79 -2.37 -11.17
N GLN A 28 3.23 -1.38 -10.52
CA GLN A 28 3.80 -0.01 -10.51
C GLN A 28 3.91 0.45 -11.99
N ALA A 1 10.52 13.47 7.59
CA ALA A 1 10.20 12.07 7.18
C ALA A 1 8.74 11.97 6.68
N ILE A 2 8.23 13.04 6.13
CA ILE A 2 6.82 13.05 5.61
C ILE A 2 6.53 11.83 4.76
N ILE A 3 7.47 11.52 3.91
CA ILE A 3 7.31 10.37 3.02
C ILE A 3 7.29 8.99 3.67
N ARG A 4 7.29 8.99 4.97
CA ARG A 4 7.26 7.72 5.76
C ARG A 4 6.14 7.86 6.77
N ILE A 5 6.07 9.03 7.35
CA ILE A 5 5.02 9.26 8.33
C ILE A 5 3.62 9.09 7.73
N LEU A 6 3.36 9.79 6.66
CA LEU A 6 1.99 9.65 6.05
C LEU A 6 1.81 8.22 5.54
N GLN A 7 2.93 7.68 5.16
CA GLN A 7 2.93 6.30 4.63
C GLN A 7 2.52 5.31 5.67
N GLN A 8 2.54 5.66 6.93
CA GLN A 8 2.10 4.65 7.93
C GLN A 8 0.59 4.49 7.72
N LEU A 9 -0.01 5.53 7.22
CA LEU A 9 -1.46 5.51 6.96
C LEU A 9 -1.66 4.95 5.55
N LEU A 10 -0.91 5.47 4.62
CA LEU A 10 -1.09 4.95 3.22
C LEU A 10 -0.77 3.47 3.24
N PHE A 11 0.10 3.10 4.13
CA PHE A 11 0.49 1.66 4.24
C PHE A 11 -0.78 0.83 4.28
N ILE A 12 -1.70 1.30 5.08
CA ILE A 12 -2.99 0.58 5.23
C ILE A 12 -3.84 0.54 3.96
N HIS A 13 -3.98 1.66 3.35
CA HIS A 13 -4.81 1.73 2.10
C HIS A 13 -4.16 1.02 0.92
N PHE A 14 -2.85 0.99 0.94
CA PHE A 14 -2.07 0.34 -0.14
C PHE A 14 -2.06 -1.13 0.21
N ARG A 15 -1.99 -1.41 1.49
CA ARG A 15 -1.96 -2.84 1.90
C ARG A 15 -3.32 -3.41 1.52
N ILE A 16 -4.36 -2.87 2.09
CA ILE A 16 -5.73 -3.37 1.78
C ILE A 16 -5.93 -3.32 0.27
N GLY A 17 -5.61 -2.19 -0.30
CA GLY A 17 -5.77 -2.04 -1.78
C GLY A 17 -5.09 -3.18 -2.53
N CYS A 18 -3.83 -3.37 -2.26
CA CYS A 18 -3.05 -4.45 -2.94
C CYS A 18 -3.49 -5.88 -2.69
N ARG A 19 -4.50 -6.01 -1.88
CA ARG A 19 -5.02 -7.37 -1.54
C ARG A 19 -5.97 -7.77 -2.66
N HIS A 20 -6.48 -6.78 -3.35
CA HIS A 20 -7.43 -7.02 -4.48
C HIS A 20 -6.95 -8.17 -5.37
N SER A 21 -5.65 -8.26 -5.52
CA SER A 21 -5.07 -9.36 -6.37
C SER A 21 -3.56 -9.52 -6.13
N ARG A 22 -3.13 -9.16 -4.95
CA ARG A 22 -1.69 -9.26 -4.54
C ARG A 22 -0.73 -8.97 -5.72
N ILE A 23 -1.12 -7.95 -6.46
CA ILE A 23 -0.36 -7.46 -7.67
C ILE A 23 0.14 -8.59 -8.63
N GLY A 24 -0.47 -9.73 -8.47
CA GLY A 24 -0.15 -10.95 -9.28
C GLY A 24 -0.54 -10.88 -10.77
N VAL A 25 -0.48 -9.69 -11.30
CA VAL A 25 -0.81 -9.46 -12.73
C VAL A 25 0.29 -10.10 -13.60
N THR A 26 1.46 -10.22 -13.03
CA THR A 26 2.63 -10.82 -13.74
C THR A 26 3.39 -11.72 -12.77
N ARG A 27 3.94 -11.08 -11.77
CA ARG A 27 4.70 -11.81 -10.73
C ARG A 27 3.69 -12.68 -9.98
N GLN A 28 4.12 -13.79 -9.43
CA GLN A 28 3.16 -14.67 -8.69
C GLN A 28 3.24 -14.39 -7.17
N ALA A 1 10.67 10.84 8.31
CA ALA A 1 10.25 12.17 7.79
C ALA A 1 8.82 12.07 7.23
N ILE A 2 8.32 13.16 6.69
CA ILE A 2 6.94 13.16 6.11
C ILE A 2 6.70 12.01 5.13
N ILE A 3 7.74 11.63 4.44
CA ILE A 3 7.59 10.54 3.47
C ILE A 3 7.31 9.20 4.12
N ARG A 4 7.41 9.14 5.41
CA ARG A 4 7.13 7.88 6.13
C ARG A 4 5.96 8.11 7.02
N ILE A 5 5.98 9.22 7.67
CA ILE A 5 4.90 9.55 8.60
C ILE A 5 3.52 9.42 7.96
N LEU A 6 3.35 9.99 6.80
CA LEU A 6 2.00 9.88 6.17
C LEU A 6 1.82 8.48 5.58
N GLN A 7 2.92 7.97 5.13
CA GLN A 7 2.93 6.63 4.49
C GLN A 7 2.53 5.51 5.42
N GLN A 8 2.55 5.74 6.69
CA GLN A 8 2.14 4.68 7.63
C GLN A 8 0.64 4.47 7.45
N LEU A 9 0.00 5.52 7.01
CA LEU A 9 -1.45 5.46 6.80
C LEU A 9 -1.60 4.92 5.38
N LEU A 10 -0.93 5.54 4.46
CA LEU A 10 -1.04 5.06 3.03
C LEU A 10 -0.71 3.57 2.97
N PHE A 11 0.17 3.19 3.86
CA PHE A 11 0.60 1.76 3.93
C PHE A 11 -0.64 0.89 3.97
N ILE A 12 -1.56 1.33 4.78
CA ILE A 12 -2.84 0.59 4.95
C ILE A 12 -3.67 0.54 3.68
N HIS A 13 -3.72 1.65 3.00
CA HIS A 13 -4.51 1.72 1.74
C HIS A 13 -3.90 0.87 0.62
N PHE A 14 -2.59 0.81 0.61
CA PHE A 14 -1.91 0.01 -0.45
C PHE A 14 -1.90 -1.43 0.01
N ARG A 15 -1.76 -1.58 1.30
CA ARG A 15 -1.74 -2.97 1.83
C ARG A 15 -3.10 -3.62 1.64
N ILE A 16 -4.11 -2.91 2.07
CA ILE A 16 -5.49 -3.45 1.94
C ILE A 16 -5.78 -3.42 0.44
N GLY A 17 -5.52 -2.29 -0.17
CA GLY A 17 -5.77 -2.16 -1.63
C GLY A 17 -5.22 -3.35 -2.41
N CYS A 18 -3.95 -3.61 -2.26
CA CYS A 18 -3.32 -4.76 -3.01
C CYS A 18 -3.81 -6.16 -2.66
N ARG A 19 -4.75 -6.20 -1.78
CA ARG A 19 -5.33 -7.50 -1.34
C ARG A 19 -6.34 -7.92 -2.40
N HIS A 20 -6.70 -6.97 -3.23
CA HIS A 20 -7.67 -7.22 -4.33
C HIS A 20 -7.30 -8.51 -5.06
N SER A 21 -6.00 -8.70 -5.17
CA SER A 21 -5.40 -9.89 -5.85
C SER A 21 -3.88 -9.71 -6.05
N ARG A 22 -3.27 -8.97 -5.15
CA ARG A 22 -1.80 -8.67 -5.18
C ARG A 22 -1.17 -8.80 -6.58
N ILE A 23 -1.81 -8.11 -7.48
CA ILE A 23 -1.39 -8.08 -8.92
C ILE A 23 0.02 -7.49 -9.07
N GLY A 24 0.48 -6.90 -8.00
CA GLY A 24 1.83 -6.28 -7.93
C GLY A 24 1.84 -4.89 -8.55
N VAL A 25 1.32 -4.84 -9.74
CA VAL A 25 1.21 -3.61 -10.58
C VAL A 25 0.92 -2.29 -9.81
N THR A 26 0.41 -2.39 -8.61
CA THR A 26 0.07 -1.21 -7.74
C THR A 26 -1.09 -0.35 -8.26
N ARG A 27 -1.08 -0.04 -9.53
CA ARG A 27 -2.15 0.78 -10.17
C ARG A 27 -3.18 -0.09 -10.92
N GLN A 28 -3.21 -1.33 -10.53
CA GLN A 28 -4.15 -2.34 -11.13
C GLN A 28 -4.30 -3.49 -10.10
N ALA A 1 9.73 13.05 10.37
CA ALA A 1 9.87 12.60 8.95
C ALA A 1 8.48 12.43 8.33
N ILE A 2 7.82 13.53 8.11
CA ILE A 2 6.44 13.49 7.50
C ILE A 2 6.41 12.57 6.29
N ILE A 3 7.46 12.66 5.52
CA ILE A 3 7.55 11.84 4.31
C ILE A 3 7.69 10.34 4.55
N ARG A 4 7.49 9.96 5.78
CA ARG A 4 7.57 8.54 6.19
C ARG A 4 6.42 8.28 7.12
N ILE A 5 6.15 9.23 7.94
CA ILE A 5 5.04 9.09 8.89
C ILE A 5 3.70 8.89 8.14
N LEU A 6 3.44 9.76 7.20
CA LEU A 6 2.14 9.63 6.45
C LEU A 6 2.08 8.34 5.62
N GLN A 7 3.23 7.98 5.15
CA GLN A 7 3.38 6.77 4.30
C GLN A 7 2.84 5.50 4.94
N GLN A 8 2.70 5.50 6.24
CA GLN A 8 2.17 4.30 6.94
C GLN A 8 0.67 4.13 6.66
N LEU A 9 0.02 5.25 6.53
CA LEU A 9 -1.45 5.22 6.28
C LEU A 9 -1.65 4.78 4.85
N LEU A 10 -0.85 5.40 4.02
CA LEU A 10 -0.91 5.09 2.56
C LEU A 10 -0.52 3.62 2.43
N PHE A 11 0.44 3.27 3.24
CA PHE A 11 0.93 1.86 3.22
C PHE A 11 -0.29 1.00 3.42
N ILE A 12 -1.01 1.28 4.45
CA ILE A 12 -2.24 0.48 4.72
C ILE A 12 -3.28 0.58 3.59
N HIS A 13 -3.43 1.75 3.05
CA HIS A 13 -4.44 1.91 1.96
C HIS A 13 -4.05 1.19 0.66
N PHE A 14 -2.78 1.06 0.42
CA PHE A 14 -2.32 0.38 -0.81
C PHE A 14 -2.16 -1.09 -0.50
N ARG A 15 -1.69 -1.34 0.70
CA ARG A 15 -1.48 -2.74 1.11
C ARG A 15 -2.85 -3.41 1.21
N ILE A 16 -3.81 -2.73 1.79
CA ILE A 16 -5.17 -3.35 1.91
C ILE A 16 -5.81 -3.32 0.51
N GLY A 17 -5.43 -2.38 -0.31
CA GLY A 17 -6.03 -2.31 -1.68
C GLY A 17 -5.54 -3.52 -2.48
N CYS A 18 -4.24 -3.54 -2.66
CA CYS A 18 -3.53 -4.63 -3.43
C CYS A 18 -3.75 -6.08 -2.98
N ARG A 19 -4.67 -6.24 -2.07
CA ARG A 19 -5.01 -7.59 -1.51
C ARG A 19 -6.05 -8.19 -2.44
N HIS A 20 -6.89 -7.33 -2.96
CA HIS A 20 -8.00 -7.73 -3.89
C HIS A 20 -7.62 -8.90 -4.81
N SER A 21 -6.45 -8.79 -5.36
CA SER A 21 -5.91 -9.83 -6.29
C SER A 21 -4.48 -10.23 -5.84
N ARG A 22 -4.26 -9.97 -4.59
CA ARG A 22 -3.03 -10.22 -3.81
C ARG A 22 -1.72 -10.01 -4.60
N ILE A 23 -1.54 -8.76 -4.90
CA ILE A 23 -0.33 -8.27 -5.68
C ILE A 23 0.97 -8.38 -4.85
N GLY A 24 0.86 -8.91 -3.66
CA GLY A 24 2.03 -9.09 -2.78
C GLY A 24 2.54 -10.53 -2.77
N VAL A 25 2.17 -11.24 -1.74
CA VAL A 25 2.60 -12.67 -1.60
C VAL A 25 2.53 -13.43 -2.91
N THR A 26 1.35 -13.66 -3.39
CA THR A 26 1.10 -14.39 -4.67
C THR A 26 1.38 -15.89 -4.44
N ARG A 27 2.59 -16.18 -4.05
CA ARG A 27 3.10 -17.55 -3.77
C ARG A 27 4.24 -17.30 -2.77
N GLN A 28 4.66 -18.30 -2.02
CA GLN A 28 5.77 -18.08 -1.06
C GLN A 28 6.41 -19.45 -0.78
N ALA A 1 9.32 14.48 9.27
CA ALA A 1 9.22 13.05 8.89
C ALA A 1 7.98 12.81 8.01
N ILE A 2 7.56 13.80 7.29
CA ILE A 2 6.34 13.63 6.43
C ILE A 2 6.51 12.40 5.53
N ILE A 3 7.73 12.17 5.12
CA ILE A 3 8.00 11.02 4.25
C ILE A 3 7.92 9.66 4.97
N ARG A 4 7.41 9.70 6.17
CA ARG A 4 7.24 8.47 6.98
C ARG A 4 5.89 8.54 7.63
N ILE A 5 5.46 9.72 8.00
CA ILE A 5 4.15 9.84 8.63
C ILE A 5 3.02 9.45 7.66
N LEU A 6 3.08 9.95 6.44
CA LEU A 6 2.00 9.60 5.47
C LEU A 6 2.05 8.12 5.06
N GLN A 7 3.26 7.65 5.02
CA GLN A 7 3.54 6.24 4.63
C GLN A 7 2.73 5.24 5.41
N GLN A 8 2.29 5.60 6.59
CA GLN A 8 1.48 4.65 7.39
C GLN A 8 0.08 4.48 6.78
N LEU A 9 -0.39 5.54 6.19
CA LEU A 9 -1.75 5.50 5.57
C LEU A 9 -1.60 4.76 4.25
N LEU A 10 -0.56 5.16 3.57
CA LEU A 10 -0.28 4.53 2.24
C LEU A 10 -0.01 3.06 2.50
N PHE A 11 0.61 2.81 3.62
CA PHE A 11 0.95 1.42 4.02
C PHE A 11 -0.36 0.66 3.96
N ILE A 12 -1.31 1.15 4.70
CA ILE A 12 -2.64 0.51 4.75
C ILE A 12 -3.37 0.48 3.41
N HIS A 13 -3.28 1.56 2.69
CA HIS A 13 -3.97 1.61 1.38
C HIS A 13 -3.33 0.68 0.35
N PHE A 14 -2.05 0.48 0.47
CA PHE A 14 -1.34 -0.40 -0.49
C PHE A 14 -1.47 -1.82 0.05
N ARG A 15 -1.42 -1.89 1.35
CA ARG A 15 -1.52 -3.19 2.03
C ARG A 15 -2.89 -3.76 1.67
N ILE A 16 -3.91 -3.10 2.16
CA ILE A 16 -5.30 -3.55 1.88
C ILE A 16 -5.51 -3.56 0.35
N GLY A 17 -5.07 -2.51 -0.29
CA GLY A 17 -5.21 -2.42 -1.77
C GLY A 17 -4.76 -3.71 -2.47
N CYS A 18 -3.55 -4.13 -2.19
CA CYS A 18 -3.06 -5.38 -2.87
C CYS A 18 -3.69 -6.67 -2.37
N ARG A 19 -4.51 -6.55 -1.40
CA ARG A 19 -5.18 -7.77 -0.85
C ARG A 19 -6.46 -8.09 -1.60
N HIS A 20 -7.00 -7.12 -2.28
CA HIS A 20 -8.27 -7.41 -3.04
C HIS A 20 -7.94 -8.36 -4.21
N SER A 21 -6.81 -8.15 -4.84
CA SER A 21 -6.39 -9.02 -5.99
C SER A 21 -4.93 -8.70 -6.42
N ARG A 22 -4.11 -8.37 -5.46
CA ARG A 22 -2.67 -8.04 -5.72
C ARG A 22 -2.41 -7.12 -6.92
N ILE A 23 -2.96 -5.94 -6.77
CA ILE A 23 -2.80 -4.89 -7.83
C ILE A 23 -1.33 -4.64 -8.13
N GLY A 24 -0.43 -5.13 -7.32
CA GLY A 24 1.03 -4.91 -7.59
C GLY A 24 1.30 -5.30 -9.05
N VAL A 25 0.54 -6.27 -9.47
CA VAL A 25 0.63 -6.81 -10.85
C VAL A 25 0.03 -5.82 -11.88
N THR A 26 -0.15 -4.58 -11.51
CA THR A 26 -0.72 -3.57 -12.48
C THR A 26 0.17 -3.57 -13.74
N ARG A 27 1.41 -3.96 -13.51
CA ARG A 27 2.47 -4.05 -14.56
C ARG A 27 2.22 -3.22 -15.83
N GLN A 28 2.57 -1.97 -15.74
CA GLN A 28 2.38 -1.02 -16.89
C GLN A 28 3.03 -1.55 -18.19
N ALA A 1 9.62 11.29 9.97
CA ALA A 1 9.47 12.58 9.24
C ALA A 1 8.23 12.50 8.34
N ILE A 2 7.87 13.61 7.74
CA ILE A 2 6.67 13.65 6.85
C ILE A 2 6.71 12.50 5.85
N ILE A 3 7.84 12.30 5.25
CA ILE A 3 7.96 11.20 4.26
C ILE A 3 7.92 9.79 4.86
N ARG A 4 7.47 9.71 6.08
CA ARG A 4 7.36 8.41 6.78
C ARG A 4 6.01 8.36 7.44
N ILE A 5 5.68 9.42 8.09
CA ILE A 5 4.39 9.47 8.77
C ILE A 5 3.21 9.24 7.82
N LEU A 6 3.19 9.98 6.73
CA LEU A 6 2.04 9.79 5.78
C LEU A 6 2.09 8.44 5.07
N GLN A 7 3.28 7.91 4.97
CA GLN A 7 3.47 6.60 4.29
C GLN A 7 2.77 5.45 5.00
N GLN A 8 2.40 5.66 6.22
CA GLN A 8 1.72 4.60 6.97
C GLN A 8 0.25 4.45 6.55
N LEU A 9 -0.34 5.55 6.23
CA LEU A 9 -1.78 5.52 5.81
C LEU A 9 -1.82 4.83 4.47
N LEU A 10 -0.88 5.23 3.67
CA LEU A 10 -0.79 4.63 2.31
C LEU A 10 -0.37 3.19 2.54
N PHE A 11 0.51 3.01 3.50
CA PHE A 11 0.95 1.61 3.77
C PHE A 11 -0.29 0.75 3.93
N ILE A 12 -1.20 1.25 4.69
CA ILE A 12 -2.45 0.48 4.89
C ILE A 12 -3.39 0.49 3.70
N HIS A 13 -3.61 1.64 3.14
CA HIS A 13 -4.52 1.73 1.96
C HIS A 13 -3.95 1.06 0.72
N PHE A 14 -2.66 0.84 0.73
CA PHE A 14 -1.98 0.19 -0.42
C PHE A 14 -1.83 -1.27 -0.09
N ARG A 15 -1.35 -1.54 1.10
CA ARG A 15 -1.16 -2.97 1.45
C ARG A 15 -2.51 -3.64 1.47
N ILE A 16 -3.52 -2.98 2.00
CA ILE A 16 -4.85 -3.63 2.02
C ILE A 16 -5.33 -3.63 0.56
N GLY A 17 -5.06 -2.57 -0.16
CA GLY A 17 -5.49 -2.50 -1.58
C GLY A 17 -4.96 -3.74 -2.31
N CYS A 18 -3.72 -4.06 -2.08
CA CYS A 18 -3.10 -5.26 -2.74
C CYS A 18 -3.78 -6.59 -2.45
N ARG A 19 -4.73 -6.52 -1.58
CA ARG A 19 -5.48 -7.75 -1.18
C ARG A 19 -6.66 -7.96 -2.12
N HIS A 20 -6.94 -6.95 -2.89
CA HIS A 20 -8.07 -7.00 -3.87
C HIS A 20 -7.91 -8.27 -4.74
N SER A 21 -6.66 -8.56 -5.00
CA SER A 21 -6.25 -9.74 -5.83
C SER A 21 -4.74 -9.68 -6.12
N ARG A 22 -4.00 -9.09 -5.22
CA ARG A 22 -2.51 -8.93 -5.37
C ARG A 22 -2.11 -8.67 -6.83
N ILE A 23 -2.89 -7.80 -7.42
CA ILE A 23 -2.73 -7.35 -8.85
C ILE A 23 -2.80 -8.47 -9.93
N GLY A 24 -2.79 -9.69 -9.47
CA GLY A 24 -2.86 -10.92 -10.33
C GLY A 24 -3.87 -10.81 -11.47
N VAL A 25 -4.83 -9.96 -11.29
CA VAL A 25 -5.89 -9.75 -12.33
C VAL A 25 -5.25 -9.47 -13.71
N THR A 26 -4.03 -9.01 -13.68
CA THR A 26 -3.27 -8.68 -14.94
C THR A 26 -3.89 -7.54 -15.76
N ARG A 27 -4.52 -6.65 -15.06
CA ARG A 27 -5.18 -5.48 -15.74
C ARG A 27 -4.07 -4.59 -16.34
N GLN A 28 -3.87 -4.69 -17.63
CA GLN A 28 -2.81 -3.84 -18.26
C GLN A 28 -3.30 -2.39 -18.46
N ALA A 1 9.17 13.98 10.27
CA ALA A 1 9.43 12.88 9.28
C ALA A 1 8.16 12.68 8.43
N ILE A 2 7.63 13.76 7.93
CA ILE A 2 6.39 13.70 7.10
C ILE A 2 6.46 12.57 6.09
N ILE A 3 7.59 12.46 5.45
CA ILE A 3 7.76 11.38 4.45
C ILE A 3 7.81 9.95 5.01
N ARG A 4 7.34 9.81 6.21
CA ARG A 4 7.30 8.49 6.90
C ARG A 4 6.04 8.46 7.72
N ILE A 5 5.74 9.55 8.33
CA ILE A 5 4.53 9.63 9.16
C ILE A 5 3.27 9.33 8.34
N LEU A 6 3.18 9.91 7.17
CA LEU A 6 1.96 9.64 6.34
C LEU A 6 2.04 8.30 5.62
N GLN A 7 3.24 7.98 5.25
CA GLN A 7 3.53 6.72 4.51
C GLN A 7 2.96 5.47 5.15
N GLN A 8 2.80 5.47 6.44
CA GLN A 8 2.25 4.29 7.13
C GLN A 8 0.77 4.09 6.83
N LEU A 9 0.10 5.18 6.61
CA LEU A 9 -1.35 5.11 6.32
C LEU A 9 -1.50 4.72 4.88
N LEU A 10 -0.67 5.34 4.09
CA LEU A 10 -0.71 5.04 2.64
C LEU A 10 -0.28 3.60 2.46
N PHE A 11 0.67 3.23 3.28
CA PHE A 11 1.19 1.83 3.23
C PHE A 11 0.01 0.89 3.29
N ILE A 12 -0.81 1.14 4.26
CA ILE A 12 -2.01 0.30 4.45
C ILE A 12 -3.05 0.50 3.35
N HIS A 13 -3.29 1.74 3.03
CA HIS A 13 -4.29 2.05 1.96
C HIS A 13 -3.82 1.66 0.57
N PHE A 14 -2.54 1.41 0.46
CA PHE A 14 -1.94 1.02 -0.83
C PHE A 14 -1.82 -0.50 -0.81
N ARG A 15 -1.44 -0.99 0.34
CA ARG A 15 -1.28 -2.45 0.53
C ARG A 15 -2.64 -3.14 0.41
N ILE A 16 -3.51 -2.81 1.33
CA ILE A 16 -4.86 -3.42 1.33
C ILE A 16 -5.54 -3.31 -0.04
N GLY A 17 -5.30 -2.27 -0.78
CA GLY A 17 -5.97 -2.19 -2.12
C GLY A 17 -5.54 -3.29 -3.10
N CYS A 18 -4.40 -3.89 -2.86
CA CYS A 18 -3.89 -4.97 -3.77
C CYS A 18 -4.12 -6.37 -3.19
N ARG A 19 -4.75 -6.35 -2.05
CA ARG A 19 -5.07 -7.59 -1.27
C ARG A 19 -6.13 -8.40 -1.97
N HIS A 20 -7.22 -7.74 -2.27
CA HIS A 20 -8.39 -8.36 -2.97
C HIS A 20 -8.00 -9.44 -4.01
N SER A 21 -6.90 -9.24 -4.67
CA SER A 21 -6.43 -10.20 -5.70
C SER A 21 -4.89 -10.28 -5.71
N ARG A 22 -4.34 -9.98 -4.56
CA ARG A 22 -2.86 -9.99 -4.30
C ARG A 22 -2.03 -9.52 -5.52
N ILE A 23 -2.37 -8.35 -6.01
CA ILE A 23 -1.64 -7.77 -7.21
C ILE A 23 -0.12 -7.83 -7.09
N GLY A 24 0.33 -7.96 -5.88
CA GLY A 24 1.80 -8.02 -5.61
C GLY A 24 2.46 -9.08 -6.48
N VAL A 25 1.71 -10.13 -6.72
CA VAL A 25 2.21 -11.26 -7.55
C VAL A 25 2.70 -10.78 -8.93
N THR A 26 2.20 -9.67 -9.35
CA THR A 26 2.62 -9.13 -10.68
C THR A 26 4.10 -8.67 -10.66
N ARG A 27 4.66 -8.36 -9.52
CA ARG A 27 6.09 -7.92 -9.51
C ARG A 27 6.97 -9.16 -9.70
N GLN A 28 7.17 -9.51 -10.94
CA GLN A 28 8.02 -10.70 -11.27
C GLN A 28 9.33 -10.78 -10.44
N ALA A 1 10.36 12.30 9.01
CA ALA A 1 10.19 13.01 7.71
C ALA A 1 8.80 12.72 7.15
N ILE A 2 8.13 13.76 6.69
CA ILE A 2 6.76 13.59 6.14
C ILE A 2 6.62 12.39 5.19
N ILE A 3 7.54 12.26 4.29
CA ILE A 3 7.48 11.14 3.33
C ILE A 3 7.58 9.74 3.92
N ARG A 4 7.71 9.67 5.21
CA ARG A 4 7.80 8.36 5.92
C ARG A 4 6.77 8.38 7.02
N ILE A 5 6.60 9.53 7.58
CA ILE A 5 5.63 9.69 8.67
C ILE A 5 4.19 9.35 8.27
N LEU A 6 3.71 9.87 7.15
CA LEU A 6 2.30 9.52 6.81
C LEU A 6 2.17 8.26 5.94
N GLN A 7 3.29 7.79 5.43
CA GLN A 7 3.27 6.57 4.56
C GLN A 7 2.70 5.37 5.29
N GLN A 8 2.69 5.47 6.58
CA GLN A 8 2.17 4.38 7.43
C GLN A 8 0.67 4.28 7.32
N LEU A 9 0.06 5.40 7.09
CA LEU A 9 -1.43 5.39 6.97
C LEU A 9 -1.79 4.96 5.57
N LEU A 10 -1.10 5.52 4.62
CA LEU A 10 -1.45 5.08 3.23
C LEU A 10 -0.97 3.67 3.02
N PHE A 11 0.04 3.30 3.78
CA PHE A 11 0.58 1.92 3.65
C PHE A 11 -0.62 1.00 3.76
N ILE A 12 -1.37 1.24 4.78
CA ILE A 12 -2.60 0.43 5.05
C ILE A 12 -3.56 0.41 3.87
N HIS A 13 -3.93 1.57 3.43
CA HIS A 13 -4.89 1.64 2.26
C HIS A 13 -4.41 0.85 1.04
N PHE A 14 -3.12 0.84 0.85
CA PHE A 14 -2.57 0.11 -0.32
C PHE A 14 -2.47 -1.35 0.07
N ARG A 15 -2.18 -1.53 1.32
CA ARG A 15 -2.04 -2.91 1.84
C ARG A 15 -3.37 -3.63 1.59
N ILE A 16 -4.41 -2.89 1.86
CA ILE A 16 -5.80 -3.40 1.67
C ILE A 16 -6.04 -3.49 0.15
N GLY A 17 -5.70 -2.42 -0.53
CA GLY A 17 -5.89 -2.39 -2.02
C GLY A 17 -5.24 -3.60 -2.68
N CYS A 18 -4.10 -3.99 -2.14
CA CYS A 18 -3.35 -5.16 -2.70
C CYS A 18 -4.12 -6.45 -2.69
N ARG A 19 -5.16 -6.43 -1.92
CA ARG A 19 -6.03 -7.63 -1.80
C ARG A 19 -6.72 -7.87 -3.12
N HIS A 20 -6.78 -6.85 -3.93
CA HIS A 20 -7.44 -6.98 -5.26
C HIS A 20 -6.82 -8.16 -6.04
N SER A 21 -5.56 -8.41 -5.79
CA SER A 21 -4.87 -9.55 -6.51
C SER A 21 -3.46 -9.81 -5.94
N ARG A 22 -3.30 -9.54 -4.67
CA ARG A 22 -2.03 -9.69 -3.89
C ARG A 22 -0.80 -9.56 -4.81
N ILE A 23 -0.88 -8.46 -5.52
CA ILE A 23 0.15 -8.05 -6.51
C ILE A 23 0.77 -9.28 -7.21
N GLY A 24 -0.12 -9.99 -7.84
CA GLY A 24 0.23 -11.24 -8.60
C GLY A 24 1.26 -10.94 -9.69
N VAL A 25 1.30 -9.69 -10.07
CA VAL A 25 2.25 -9.24 -11.11
C VAL A 25 3.68 -9.38 -10.52
N THR A 26 3.70 -9.51 -9.21
CA THR A 26 4.90 -9.66 -8.34
C THR A 26 5.17 -8.28 -7.77
N ARG A 27 5.18 -8.20 -6.48
CA ARG A 27 5.45 -6.88 -5.82
C ARG A 27 6.96 -6.60 -5.94
N GLN A 28 7.34 -5.42 -5.53
CA GLN A 28 8.80 -5.05 -5.59
C GLN A 28 9.58 -5.91 -4.57
N ALA A 1 9.14 13.58 10.76
CA ALA A 1 9.14 12.33 9.96
C ALA A 1 7.91 12.32 9.03
N ILE A 2 7.56 13.48 8.53
CA ILE A 2 6.37 13.59 7.62
C ILE A 2 6.49 12.57 6.49
N ILE A 3 7.67 12.46 5.96
CA ILE A 3 7.87 11.50 4.85
C ILE A 3 7.84 10.03 5.25
N ARG A 4 7.32 9.78 6.42
CA ARG A 4 7.20 8.39 6.94
C ARG A 4 5.83 8.26 7.52
N ILE A 5 5.44 9.22 8.32
CA ILE A 5 4.11 9.13 8.90
C ILE A 5 3.02 8.99 7.82
N LEU A 6 3.02 9.88 6.86
CA LEU A 6 1.95 9.77 5.81
C LEU A 6 2.05 8.44 5.05
N GLN A 7 3.26 7.98 4.97
CA GLN A 7 3.56 6.71 4.26
C GLN A 7 3.00 5.47 4.95
N GLN A 8 2.73 5.60 6.21
CA GLN A 8 2.20 4.44 6.98
C GLN A 8 0.72 4.22 6.67
N LEU A 9 0.05 5.31 6.43
CA LEU A 9 -1.38 5.27 6.11
C LEU A 9 -1.53 4.82 4.68
N LEU A 10 -0.80 5.48 3.82
CA LEU A 10 -0.95 5.03 2.41
C LEU A 10 -0.44 3.62 2.28
N PHE A 11 0.51 3.27 3.14
CA PHE A 11 1.05 1.87 3.06
C PHE A 11 -0.13 0.92 3.18
N ILE A 12 -0.92 1.16 4.18
CA ILE A 12 -2.10 0.28 4.41
C ILE A 12 -3.12 0.42 3.28
N HIS A 13 -3.31 1.62 2.84
CA HIS A 13 -4.30 1.84 1.74
C HIS A 13 -3.87 1.19 0.42
N PHE A 14 -2.58 1.09 0.21
CA PHE A 14 -2.08 0.48 -1.04
C PHE A 14 -1.92 -1.01 -0.79
N ARG A 15 -1.40 -1.29 0.38
CA ARG A 15 -1.18 -2.70 0.77
C ARG A 15 -2.54 -3.36 0.71
N ILE A 16 -3.47 -2.88 1.51
CA ILE A 16 -4.85 -3.47 1.46
C ILE A 16 -5.29 -3.34 0.01
N GLY A 17 -5.00 -2.19 -0.55
CA GLY A 17 -5.36 -1.87 -1.96
C GLY A 17 -5.01 -3.02 -2.91
N CYS A 18 -3.93 -3.72 -2.65
CA CYS A 18 -3.54 -4.87 -3.55
C CYS A 18 -3.75 -6.26 -2.96
N ARG A 19 -4.25 -6.23 -1.76
CA ARG A 19 -4.52 -7.49 -0.99
C ARG A 19 -5.89 -8.02 -1.42
N HIS A 20 -6.60 -7.17 -2.11
CA HIS A 20 -7.96 -7.48 -2.63
C HIS A 20 -8.00 -8.90 -3.22
N SER A 21 -6.86 -9.27 -3.75
CA SER A 21 -6.62 -10.62 -4.40
C SER A 21 -5.39 -10.53 -5.33
N ARG A 22 -4.44 -9.71 -4.96
CA ARG A 22 -3.17 -9.49 -5.74
C ARG A 22 -3.36 -9.67 -7.27
N ILE A 23 -4.50 -9.23 -7.76
CA ILE A 23 -4.79 -9.33 -9.24
C ILE A 23 -3.64 -8.69 -10.02
N GLY A 24 -3.04 -7.77 -9.32
CA GLY A 24 -1.89 -6.97 -9.82
C GLY A 24 -0.79 -7.87 -10.35
N VAL A 25 -0.85 -9.15 -10.04
CA VAL A 25 0.18 -10.13 -10.50
C VAL A 25 0.41 -10.03 -12.02
N THR A 26 -0.65 -9.74 -12.73
CA THR A 26 -0.51 -9.62 -14.21
C THR A 26 0.40 -8.44 -14.59
N ARG A 27 0.58 -7.59 -13.62
CA ARG A 27 1.41 -6.34 -13.68
C ARG A 27 1.52 -5.76 -15.09
N GLN A 28 0.38 -5.76 -15.76
CA GLN A 28 0.25 -5.24 -17.16
C GLN A 28 1.03 -6.21 -18.09
N ALA A 1 10.05 13.09 10.20
CA ALA A 1 10.03 12.10 9.09
C ALA A 1 8.62 12.03 8.50
N ILE A 2 8.00 13.17 8.34
CA ILE A 2 6.61 13.16 7.77
C ILE A 2 6.53 12.35 6.48
N ILE A 3 7.55 12.44 5.68
CA ILE A 3 7.54 11.68 4.42
C ILE A 3 7.69 10.17 4.60
N ARG A 4 7.54 9.74 5.82
CA ARG A 4 7.64 8.30 6.18
C ARG A 4 6.50 8.00 7.12
N ILE A 5 6.24 8.88 8.03
CA ILE A 5 5.14 8.63 8.96
C ILE A 5 3.80 8.51 8.22
N LEU A 6 3.52 9.44 7.35
CA LEU A 6 2.22 9.35 6.61
C LEU A 6 2.16 8.12 5.71
N GLN A 7 3.31 7.77 5.23
CA GLN A 7 3.42 6.61 4.32
C GLN A 7 2.89 5.35 4.96
N GLN A 8 2.82 5.34 6.26
CA GLN A 8 2.31 4.14 6.96
C GLN A 8 0.79 4.05 6.78
N LEU A 9 0.15 5.17 6.60
CA LEU A 9 -1.33 5.17 6.42
C LEU A 9 -1.60 4.87 4.96
N LEU A 10 -0.79 5.47 4.14
CA LEU A 10 -0.95 5.26 2.68
C LEU A 10 -0.68 3.77 2.45
N PHE A 11 0.27 3.30 3.21
CA PHE A 11 0.63 1.85 3.09
C PHE A 11 -0.65 1.05 3.22
N ILE A 12 -1.46 1.48 4.14
CA ILE A 12 -2.74 0.76 4.34
C ILE A 12 -3.70 0.96 3.18
N HIS A 13 -3.94 2.19 2.85
CA HIS A 13 -4.90 2.43 1.72
C HIS A 13 -4.35 2.05 0.34
N PHE A 14 -3.08 1.78 0.28
CA PHE A 14 -2.48 1.40 -1.02
C PHE A 14 -2.20 -0.10 -1.00
N ARG A 15 -1.95 -0.65 0.17
CA ARG A 15 -1.69 -2.12 0.23
C ARG A 15 -3.02 -2.86 0.33
N ILE A 16 -3.88 -2.42 1.22
CA ILE A 16 -5.19 -3.13 1.37
C ILE A 16 -5.88 -3.25 0.00
N GLY A 17 -5.79 -2.24 -0.82
CA GLY A 17 -6.44 -2.33 -2.16
C GLY A 17 -5.86 -3.42 -3.08
N CYS A 18 -4.67 -3.89 -2.79
CA CYS A 18 -4.06 -4.94 -3.64
C CYS A 18 -3.98 -6.31 -2.98
N ARG A 19 -4.32 -6.30 -1.75
CA ARG A 19 -4.28 -7.55 -0.92
C ARG A 19 -5.37 -8.51 -1.33
N HIS A 20 -6.45 -7.95 -1.79
CA HIS A 20 -7.59 -8.81 -2.22
C HIS A 20 -7.17 -9.89 -3.22
N SER A 21 -6.19 -9.59 -4.04
CA SER A 21 -5.73 -10.60 -5.05
C SER A 21 -4.29 -10.37 -5.54
N ARG A 22 -3.53 -9.75 -4.68
CA ARG A 22 -2.10 -9.40 -4.95
C ARG A 22 -1.96 -8.72 -6.32
N ILE A 23 -2.81 -7.76 -6.54
CA ILE A 23 -2.80 -7.00 -7.83
C ILE A 23 -1.46 -6.36 -8.22
N GLY A 24 -0.58 -6.31 -7.26
CA GLY A 24 0.77 -5.71 -7.49
C GLY A 24 1.69 -6.64 -8.26
N VAL A 25 1.91 -7.76 -7.66
CA VAL A 25 2.79 -8.81 -8.24
C VAL A 25 2.00 -9.83 -9.08
N THR A 26 0.72 -9.89 -8.80
CA THR A 26 -0.28 -10.78 -9.45
C THR A 26 0.04 -12.28 -9.50
N ARG A 27 1.25 -12.63 -9.14
CA ARG A 27 1.66 -14.05 -9.15
C ARG A 27 1.02 -14.74 -7.92
N GLN A 28 -0.27 -14.95 -7.98
CA GLN A 28 -0.96 -15.62 -6.83
C GLN A 28 -0.70 -17.14 -6.84
N ALA A 1 9.40 13.73 9.88
CA ALA A 1 9.49 12.44 9.14
C ALA A 1 8.32 12.33 8.15
N ILE A 2 8.02 13.41 7.48
CA ILE A 2 6.90 13.42 6.49
C ILE A 2 6.94 12.19 5.60
N ILE A 3 8.10 11.92 5.08
CA ILE A 3 8.27 10.75 4.20
C ILE A 3 8.07 9.39 4.89
N ARG A 4 7.52 9.43 6.07
CA ARG A 4 7.26 8.20 6.86
C ARG A 4 5.89 8.34 7.46
N ILE A 5 5.57 9.52 7.89
CA ILE A 5 4.26 9.74 8.49
C ILE A 5 3.13 9.46 7.49
N LEU A 6 3.25 10.00 6.31
CA LEU A 6 2.16 9.75 5.30
C LEU A 6 2.11 8.27 4.86
N GLN A 7 3.29 7.71 4.84
CA GLN A 7 3.46 6.29 4.43
C GLN A 7 2.63 5.29 5.23
N GLN A 8 2.22 5.68 6.40
CA GLN A 8 1.41 4.77 7.24
C GLN A 8 -0.01 4.61 6.70
N LEU A 9 -0.47 5.67 6.08
CA LEU A 9 -1.84 5.66 5.52
C LEU A 9 -1.79 4.86 4.24
N LEU A 10 -0.77 5.20 3.49
CA LEU A 10 -0.57 4.52 2.18
C LEU A 10 -0.35 3.04 2.50
N PHE A 11 0.38 2.84 3.56
CA PHE A 11 0.68 1.44 3.99
C PHE A 11 -0.64 0.69 4.05
N ILE A 12 -1.58 1.31 4.71
CA ILE A 12 -2.91 0.69 4.86
C ILE A 12 -3.67 0.59 3.54
N HIS A 13 -3.61 1.64 2.79
CA HIS A 13 -4.33 1.64 1.48
C HIS A 13 -3.79 0.63 0.48
N PHE A 14 -2.51 0.38 0.55
CA PHE A 14 -1.88 -0.58 -0.38
C PHE A 14 -1.85 -1.92 0.29
N ARG A 15 -1.69 -1.94 1.59
CA ARG A 15 -1.65 -3.27 2.25
C ARG A 15 -3.03 -3.85 2.09
N ILE A 16 -4.02 -3.07 2.41
CA ILE A 16 -5.42 -3.55 2.28
C ILE A 16 -5.77 -3.66 0.79
N GLY A 17 -5.50 -2.60 0.07
CA GLY A 17 -5.81 -2.60 -1.40
C GLY A 17 -5.18 -3.72 -2.23
N CYS A 18 -3.89 -3.84 -2.15
CA CYS A 18 -3.21 -4.92 -2.96
C CYS A 18 -3.53 -6.34 -2.55
N ARG A 19 -4.22 -6.44 -1.46
CA ARG A 19 -4.60 -7.78 -0.94
C ARG A 19 -5.82 -8.30 -1.66
N HIS A 20 -6.55 -7.39 -2.25
CA HIS A 20 -7.78 -7.80 -3.00
C HIS A 20 -7.38 -8.68 -4.20
N SER A 21 -6.30 -8.29 -4.86
CA SER A 21 -5.82 -9.06 -6.05
C SER A 21 -4.50 -8.45 -6.60
N ARG A 22 -3.66 -8.01 -5.68
CA ARG A 22 -2.33 -7.39 -6.01
C ARG A 22 -2.32 -6.43 -7.22
N ILE A 23 -3.22 -5.49 -7.19
CA ILE A 23 -3.32 -4.48 -8.30
C ILE A 23 -1.99 -3.83 -8.66
N GLY A 24 -1.12 -3.83 -7.69
CA GLY A 24 0.24 -3.25 -7.82
C GLY A 24 0.99 -3.72 -9.04
N VAL A 25 0.65 -4.86 -9.55
CA VAL A 25 1.34 -5.39 -10.75
C VAL A 25 1.02 -4.53 -11.99
N THR A 26 -0.11 -3.88 -11.93
CA THR A 26 -0.57 -3.01 -13.06
C THR A 26 -0.98 -1.62 -12.54
N ARG A 27 -1.94 -1.61 -11.65
CA ARG A 27 -2.49 -0.36 -11.03
C ARG A 27 -2.68 0.79 -12.04
N GLN A 28 -2.87 0.41 -13.28
CA GLN A 28 -3.06 1.43 -14.34
C GLN A 28 -4.57 1.73 -14.42
#